data_4L07
#
_entry.id   4L07
#
_cell.length_a   133.489
_cell.length_b   133.489
_cell.length_c   88.844
_cell.angle_alpha   90.000
_cell.angle_beta   90.000
_cell.angle_gamma   120.000
#
_symmetry.space_group_name_H-M   'P 64 2 2'
#
loop_
_entity.id
_entity.type
_entity.pdbx_description
1 polymer 'Hydrolase, isochorismatase family'
2 non-polymer 'SULFATE ION'
3 non-polymer GLYCEROL
4 water water
#
_entity_poly.entity_id   1
_entity_poly.type   'polypeptide(L)'
_entity_poly.pdbx_seq_one_letter_code
;MSQKEVYDAAGFGNPVSRGVHPAIIVVDFSYGFTDLQYPTASDASLQMSRTKEICDLARALEFPVIFTTIAYHPGEIPML
PWLEKSSGMAALLYGSRLVEIDMATGIQPNDVVVVKKGASSFFGSTLSSLLAGTNTDTVVVTGATTSGCVRATVVDAVQS
GFKVLVPADCCADRAKGPHEASLYDIQQKYGDVTDSDDILKWLRSVAG
;
_entity_poly.pdbx_strand_id   A,B
#
loop_
_chem_comp.id
_chem_comp.type
_chem_comp.name
_chem_comp.formula
GOL non-polymer GLYCEROL 'C3 H8 O3'
SO4 non-polymer 'SULFATE ION' 'O4 S -2'
#
# COMPACT_ATOMS: atom_id res chain seq x y z
N MET A 1 -7.06 21.26 -17.29
CA MET A 1 -7.68 20.94 -15.97
C MET A 1 -6.67 20.98 -14.83
N SER A 2 -7.07 21.54 -13.70
CA SER A 2 -6.27 21.52 -12.48
C SER A 2 -6.27 20.10 -11.91
N GLN A 3 -5.34 19.82 -11.01
CA GLN A 3 -5.28 18.51 -10.36
C GLN A 3 -6.61 18.15 -9.69
N LYS A 4 -7.19 19.13 -8.98
CA LYS A 4 -8.51 18.95 -8.35
C LYS A 4 -9.57 18.53 -9.37
N GLU A 5 -9.59 19.20 -10.52
CA GLU A 5 -10.54 18.86 -11.58
C GLU A 5 -10.29 17.47 -12.16
N VAL A 6 -9.01 17.11 -12.32
CA VAL A 6 -8.64 15.78 -12.83
C VAL A 6 -9.15 14.69 -11.89
N TYR A 7 -8.85 14.82 -10.60
CA TYR A 7 -9.27 13.82 -9.61
C TYR A 7 -10.80 13.74 -9.48
N ASP A 8 -11.46 14.90 -9.51
CA ASP A 8 -12.93 14.93 -9.49
C ASP A 8 -13.54 14.19 -10.68
N ALA A 9 -13.07 14.49 -11.88
CA ALA A 9 -13.60 13.84 -13.08
C ALA A 9 -13.31 12.34 -13.10
N ALA A 10 -12.20 11.93 -12.47
CA ALA A 10 -11.81 10.53 -12.38
C ALA A 10 -12.62 9.76 -11.34
N GLY A 11 -13.50 10.47 -10.63
CA GLY A 11 -14.43 9.86 -9.69
C GLY A 11 -13.87 9.59 -8.31
N PHE A 12 -12.80 10.30 -7.94
CA PHE A 12 -12.17 10.15 -6.63
C PHE A 12 -12.77 11.10 -5.59
N GLY A 13 -12.47 10.84 -4.31
CA GLY A 13 -12.78 11.78 -3.24
C GLY A 13 -14.20 11.77 -2.70
N ASN A 14 -14.99 10.76 -3.08
CA ASN A 14 -16.35 10.60 -2.55
C ASN A 14 -16.34 10.29 -1.05
N PRO A 15 -17.39 10.70 -0.33
CA PRO A 15 -17.44 10.42 1.10
C PRO A 15 -17.79 8.96 1.38
N VAL A 16 -17.38 8.44 2.54
CA VAL A 16 -17.81 7.09 2.89
C VAL A 16 -19.08 7.12 3.75
N SER A 17 -20.06 6.32 3.34
CA SER A 17 -21.27 6.15 4.11
C SER A 17 -20.93 5.17 5.22
N ARG A 18 -20.81 5.67 6.44
CA ARG A 18 -20.32 4.87 7.56
C ARG A 18 -21.29 3.77 7.97
N GLY A 19 -20.73 2.62 8.37
CA GLY A 19 -21.53 1.50 8.82
C GLY A 19 -21.89 1.60 10.30
N VAL A 20 -22.34 0.49 10.86
CA VAL A 20 -22.81 0.48 12.24
C VAL A 20 -22.06 -0.50 13.15
N HIS A 21 -20.99 -1.10 12.62
CA HIS A 21 -20.14 -2.01 13.39
C HIS A 21 -18.68 -1.62 13.33
N PRO A 22 -18.29 -0.62 14.14
CA PRO A 22 -16.94 -0.06 14.11
C PRO A 22 -15.90 -0.93 14.81
N ALA A 23 -14.66 -0.82 14.34
CA ALA A 23 -13.50 -1.38 15.03
C ALA A 23 -12.33 -0.42 14.90
N ILE A 24 -11.49 -0.39 15.93
CA ILE A 24 -10.34 0.49 15.96
C ILE A 24 -9.07 -0.35 15.72
N ILE A 25 -8.27 0.07 14.75
CA ILE A 25 -6.97 -0.56 14.50
C ILE A 25 -5.88 0.44 14.86
N VAL A 26 -5.04 0.07 15.82
CA VAL A 26 -3.93 0.92 16.26
C VAL A 26 -2.64 0.33 15.69
N VAL A 27 -2.12 0.97 14.65
CA VAL A 27 -0.98 0.43 13.90
C VAL A 27 0.37 0.83 14.48
N ASP A 28 1.07 -0.15 15.06
CA ASP A 28 2.49 -0.02 15.42
C ASP A 28 2.84 1.17 16.31
N PHE A 29 1.98 1.48 17.28
CA PHE A 29 2.37 2.39 18.37
C PHE A 29 3.18 1.59 19.40
N SER A 30 4.24 0.96 18.94
CA SER A 30 5.22 0.27 19.80
C SER A 30 6.34 1.25 20.13
N TYR A 31 7.11 0.96 21.17
CA TYR A 31 8.20 1.85 21.57
C TYR A 31 9.22 2.08 20.45
N GLY A 32 9.43 1.07 19.62
CA GLY A 32 10.34 1.18 18.47
C GLY A 32 9.95 2.32 17.53
N PHE A 33 8.67 2.64 17.49
CA PHE A 33 8.15 3.71 16.64
C PHE A 33 7.78 4.99 17.40
N THR A 34 7.72 4.93 18.73
CA THR A 34 7.22 6.07 19.53
C THR A 34 8.19 6.62 20.56
N ASP A 35 9.26 5.87 20.87
CA ASP A 35 10.26 6.32 21.85
C ASP A 35 11.53 6.80 21.14
N LEU A 36 11.79 8.11 21.19
CA LEU A 36 12.86 8.72 20.39
C LEU A 36 14.28 8.23 20.66
N GLN A 37 14.47 7.38 21.68
CA GLN A 37 15.76 6.77 21.92
C GLN A 37 16.13 5.78 20.82
N TYR A 38 15.10 5.29 20.12
CA TYR A 38 15.29 4.31 19.05
C TYR A 38 15.30 5.00 17.69
N PRO A 39 16.25 4.60 16.82
CA PRO A 39 16.43 5.20 15.49
C PRO A 39 15.17 5.21 14.62
N THR A 40 14.27 4.25 14.82
CA THR A 40 13.07 4.12 13.99
C THR A 40 11.88 4.95 14.49
N ALA A 41 12.07 5.68 15.58
CA ALA A 41 10.94 6.33 16.25
C ALA A 41 10.62 7.74 15.77
N SER A 42 9.39 8.16 16.05
CA SER A 42 8.90 9.52 15.76
C SER A 42 8.24 10.07 17.02
N ASP A 43 8.05 11.38 17.08
CA ASP A 43 7.26 11.99 18.14
C ASP A 43 5.78 11.70 17.89
N ALA A 44 5.21 10.84 18.74
CA ALA A 44 3.83 10.41 18.60
C ALA A 44 3.02 10.73 19.85
N SER A 45 3.52 11.62 20.69
CA SER A 45 2.87 11.88 21.98
C SER A 45 1.42 12.36 21.88
N LEU A 46 1.17 13.38 21.06
CA LEU A 46 -0.20 13.91 20.87
C LEU A 46 -1.12 12.88 20.21
N GLN A 47 -0.57 12.18 19.22
CA GLN A 47 -1.30 11.18 18.45
C GLN A 47 -1.77 10.02 19.35
N MET A 48 -0.89 9.60 20.26
CA MET A 48 -1.20 8.51 21.18
C MET A 48 -2.28 8.88 22.18
N SER A 49 -2.27 10.13 22.65
CA SER A 49 -3.31 10.57 23.60
C SER A 49 -4.68 10.69 22.91
N ARG A 50 -4.71 11.13 21.66
CA ARG A 50 -5.96 11.15 20.90
C ARG A 50 -6.44 9.73 20.64
N THR A 51 -5.51 8.84 20.28
CA THR A 51 -5.83 7.43 20.03
C THR A 51 -6.37 6.78 21.30
N LYS A 52 -5.75 7.08 22.45
CA LYS A 52 -6.20 6.53 23.74
C LYS A 52 -7.68 6.87 24.00
N GLU A 53 -8.06 8.11 23.70
CA GLU A 53 -9.45 8.57 23.88
C GLU A 53 -10.41 7.75 23.01
N ILE A 54 -10.04 7.56 21.75
CA ILE A 54 -10.83 6.76 20.81
C ILE A 54 -10.97 5.31 21.29
N CYS A 55 -9.85 4.69 21.65
CA CYS A 55 -9.82 3.31 22.11
C CYS A 55 -10.61 3.12 23.41
N ASP A 56 -10.43 4.04 24.36
CA ASP A 56 -11.19 3.99 25.62
C ASP A 56 -12.71 4.00 25.39
N LEU A 57 -13.16 4.87 24.48
CA LEU A 57 -14.58 4.93 24.15
C LEU A 57 -15.04 3.65 23.45
N ALA A 58 -14.33 3.25 22.39
CA ALA A 58 -14.69 2.05 21.63
C ALA A 58 -14.75 0.80 22.51
N ARG A 59 -13.72 0.64 23.35
CA ARG A 59 -13.64 -0.51 24.24
C ARG A 59 -14.83 -0.57 25.19
N ALA A 60 -15.16 0.57 25.79
CA ALA A 60 -16.30 0.70 26.69
C ALA A 60 -17.62 0.39 25.99
N LEU A 61 -17.71 0.72 24.71
CA LEU A 61 -18.90 0.45 23.90
C LEU A 61 -18.92 -0.95 23.31
N GLU A 62 -17.90 -1.75 23.66
CA GLU A 62 -17.76 -3.14 23.20
C GLU A 62 -17.56 -3.30 21.68
N PHE A 63 -16.91 -2.30 21.09
CA PHE A 63 -16.45 -2.40 19.71
C PHE A 63 -15.02 -2.92 19.74
N PRO A 64 -14.65 -3.76 18.76
CA PRO A 64 -13.28 -4.31 18.77
C PRO A 64 -12.19 -3.24 18.72
N VAL A 65 -11.16 -3.43 19.55
CA VAL A 65 -9.98 -2.58 19.56
C VAL A 65 -8.77 -3.50 19.40
N ILE A 66 -8.04 -3.35 18.30
CA ILE A 66 -6.93 -4.25 17.97
C ILE A 66 -5.63 -3.46 17.72
N PHE A 67 -4.57 -3.83 18.43
CA PHE A 67 -3.25 -3.22 18.26
C PHE A 67 -2.37 -4.11 17.40
N THR A 68 -1.51 -3.49 16.58
CA THR A 68 -0.52 -4.22 15.79
C THR A 68 0.90 -3.86 16.21
N THR A 69 1.83 -4.78 15.98
CA THR A 69 3.24 -4.55 16.21
C THR A 69 4.03 -5.36 15.18
N ILE A 70 5.18 -4.81 14.77
CA ILE A 70 6.14 -5.54 13.95
C ILE A 70 7.16 -6.17 14.89
N ALA A 71 7.30 -7.50 14.80
CA ALA A 71 8.29 -8.22 15.60
C ALA A 71 8.86 -9.39 14.82
N TYR A 72 10.17 -9.60 14.92
CA TYR A 72 10.88 -10.67 14.22
C TYR A 72 11.63 -11.62 15.13
N HIS A 73 11.66 -12.89 14.74
CA HIS A 73 12.64 -13.82 15.26
C HIS A 73 13.90 -13.63 14.48
N PRO A 74 15.08 -13.80 15.11
CA PRO A 74 16.36 -13.59 14.43
C PRO A 74 16.47 -14.32 13.08
N GLY A 75 15.98 -15.55 13.01
CA GLY A 75 16.06 -16.35 11.79
C GLY A 75 15.24 -15.82 10.63
N GLU A 76 14.25 -14.97 10.93
CA GLU A 76 13.40 -14.38 9.88
C GLU A 76 14.09 -13.24 9.14
N ILE A 77 15.01 -12.55 9.81
CA ILE A 77 15.67 -11.35 9.26
C ILE A 77 16.25 -11.57 7.84
N PRO A 78 17.08 -12.60 7.63
CA PRO A 78 17.63 -12.80 6.29
C PRO A 78 16.62 -13.31 5.25
N MET A 79 15.45 -13.74 5.71
CA MET A 79 14.43 -14.32 4.82
C MET A 79 13.52 -13.28 4.16
N LEU A 80 13.42 -12.09 4.75
CA LEU A 80 12.43 -11.11 4.30
C LEU A 80 13.09 -9.90 3.61
N PRO A 81 12.87 -9.76 2.29
CA PRO A 81 13.57 -8.68 1.57
C PRO A 81 13.17 -7.27 1.99
N TRP A 82 12.03 -7.09 2.66
CA TRP A 82 11.70 -5.75 3.16
C TRP A 82 12.78 -5.22 4.08
N LEU A 83 13.40 -6.12 4.84
CA LEU A 83 14.46 -5.75 5.79
C LEU A 83 15.80 -5.41 5.13
N GLU A 84 15.94 -5.75 3.85
CA GLU A 84 17.08 -5.27 3.05
C GLU A 84 16.95 -3.77 2.77
N LYS A 85 15.76 -3.34 2.35
CA LYS A 85 15.47 -1.92 2.14
C LYS A 85 15.37 -1.15 3.45
N SER A 86 14.49 -1.61 4.32
CA SER A 86 14.24 -0.97 5.59
C SER A 86 14.97 -1.71 6.72
N SER A 87 16.27 -1.53 6.79
CA SER A 87 17.12 -2.36 7.66
C SER A 87 17.00 -2.00 9.14
N GLY A 88 16.53 -0.79 9.42
CA GLY A 88 16.25 -0.36 10.80
C GLY A 88 15.21 -1.25 11.48
N MET A 89 14.34 -1.84 10.67
CA MET A 89 13.28 -2.70 11.18
C MET A 89 13.81 -3.99 11.81
N ALA A 90 15.04 -4.38 11.47
CA ALA A 90 15.64 -5.60 12.02
C ALA A 90 15.85 -5.53 13.53
N ALA A 91 15.82 -4.32 14.09
CA ALA A 91 15.97 -4.10 15.54
C ALA A 91 14.73 -4.53 16.33
N LEU A 92 13.61 -4.74 15.64
CA LEU A 92 12.33 -5.06 16.26
C LEU A 92 12.20 -6.56 16.54
N LEU A 93 12.94 -7.03 17.55
CA LEU A 93 13.03 -8.45 17.85
C LEU A 93 12.10 -8.85 18.98
N TYR A 94 11.53 -10.05 18.91
CA TYR A 94 10.70 -10.59 19.99
C TYR A 94 11.49 -10.49 21.29
N GLY A 95 10.79 -10.18 22.39
CA GLY A 95 11.43 -10.08 23.69
C GLY A 95 12.15 -8.77 23.97
N SER A 96 12.20 -7.88 22.97
CA SER A 96 12.80 -6.56 23.18
C SER A 96 11.74 -5.52 23.55
N ARG A 97 12.18 -4.42 24.15
CA ARG A 97 11.28 -3.32 24.48
C ARG A 97 10.68 -2.68 23.22
N LEU A 98 11.42 -2.74 22.11
CA LEU A 98 11.03 -2.07 20.87
C LEU A 98 9.67 -2.54 20.36
N VAL A 99 9.34 -3.81 20.62
CA VAL A 99 8.14 -4.43 20.07
C VAL A 99 6.91 -4.28 20.99
N GLU A 100 7.14 -3.81 22.21
CA GLU A 100 6.08 -3.61 23.18
C GLU A 100 5.24 -2.39 22.83
N ILE A 101 3.92 -2.51 23.02
CA ILE A 101 3.00 -1.42 22.75
C ILE A 101 3.22 -0.33 23.77
N ASP A 102 3.34 0.90 23.31
CA ASP A 102 3.57 2.05 24.19
C ASP A 102 2.40 2.22 25.16
N MET A 103 2.70 2.30 26.45
CA MET A 103 1.67 2.44 27.48
C MET A 103 0.81 3.70 27.36
N ALA A 104 1.34 4.71 26.68
CA ALA A 104 0.62 5.97 26.42
C ALA A 104 -0.65 5.77 25.58
N THR A 105 -0.74 4.63 24.90
CA THR A 105 -1.94 4.30 24.12
C THR A 105 -3.09 3.88 25.05
N GLY A 106 -2.75 3.55 26.29
CA GLY A 106 -3.72 3.06 27.26
C GLY A 106 -4.13 1.62 27.03
N ILE A 107 -3.32 0.86 26.27
CA ILE A 107 -3.58 -0.56 26.04
C ILE A 107 -3.83 -1.30 27.36
N GLN A 108 -4.82 -2.18 27.35
CA GLN A 108 -5.21 -2.95 28.53
C GLN A 108 -4.96 -4.43 28.27
N PRO A 109 -4.83 -5.24 29.34
CA PRO A 109 -4.60 -6.67 29.20
C PRO A 109 -5.56 -7.38 28.23
N ASN A 110 -6.83 -6.95 28.19
CA ASN A 110 -7.84 -7.56 27.31
C ASN A 110 -7.53 -7.38 25.82
N ASP A 111 -6.85 -6.29 25.49
CA ASP A 111 -6.68 -5.87 24.09
C ASP A 111 -5.84 -6.86 23.28
N VAL A 112 -6.39 -7.30 22.15
CA VAL A 112 -5.68 -8.20 21.24
C VAL A 112 -4.53 -7.48 20.54
N VAL A 113 -3.36 -8.12 20.55
CA VAL A 113 -2.22 -7.65 19.77
C VAL A 113 -1.97 -8.62 18.61
N VAL A 114 -1.85 -8.08 17.41
CA VAL A 114 -1.50 -8.86 16.23
C VAL A 114 -0.05 -8.55 15.82
N VAL A 115 0.76 -9.61 15.68
CA VAL A 115 2.15 -9.45 15.27
C VAL A 115 2.22 -9.65 13.76
N LYS A 116 2.91 -8.73 13.08
CA LYS A 116 3.08 -8.78 11.63
C LYS A 116 4.54 -8.58 11.24
N LYS A 117 4.86 -8.89 9.97
CA LYS A 117 6.24 -8.84 9.50
C LYS A 117 6.49 -7.78 8.43
N GLY A 118 5.43 -7.18 7.92
CA GLY A 118 5.52 -6.13 6.89
C GLY A 118 4.88 -4.82 7.32
N ALA A 119 4.52 -4.00 6.33
CA ALA A 119 3.87 -2.70 6.56
C ALA A 119 2.38 -2.83 6.90
N SER A 120 1.62 -3.51 6.04
CA SER A 120 0.18 -3.62 6.23
C SER A 120 -0.20 -4.50 7.42
N SER A 121 -1.15 -4.05 8.22
CA SER A 121 -1.63 -4.82 9.36
C SER A 121 -2.38 -6.07 8.94
N PHE A 122 -2.78 -6.12 7.67
CA PHE A 122 -3.55 -7.25 7.13
C PHE A 122 -2.66 -8.29 6.46
N PHE A 123 -1.48 -7.89 6.03
CA PHE A 123 -0.63 -8.79 5.25
C PHE A 123 0.04 -9.86 6.10
N GLY A 124 -0.27 -11.12 5.79
CA GLY A 124 0.32 -12.25 6.50
C GLY A 124 -0.09 -12.28 7.96
N SER A 125 -1.31 -11.82 8.26
CA SER A 125 -1.81 -11.75 9.63
C SER A 125 -3.25 -12.23 9.73
N THR A 126 -3.70 -12.39 10.96
CA THR A 126 -5.06 -12.83 11.23
C THR A 126 -6.08 -11.67 11.25
N LEU A 127 -5.64 -10.44 10.97
CA LEU A 127 -6.53 -9.28 11.14
C LEU A 127 -7.86 -9.37 10.38
N SER A 128 -7.83 -9.74 9.11
CA SER A 128 -9.07 -9.81 8.34
C SER A 128 -10.09 -10.76 8.97
N SER A 129 -9.60 -11.90 9.45
CA SER A 129 -10.46 -12.89 10.09
C SER A 129 -11.09 -12.40 11.38
N LEU A 130 -10.35 -11.59 12.14
CA LEU A 130 -10.91 -11.05 13.38
C LEU A 130 -12.01 -10.05 13.08
N LEU A 131 -11.81 -9.24 12.04
CA LEU A 131 -12.82 -8.23 11.68
C LEU A 131 -14.05 -8.88 11.06
N ALA A 132 -13.83 -9.83 10.17
CA ALA A 132 -14.95 -10.55 9.57
C ALA A 132 -15.72 -11.33 10.64
N GLY A 133 -14.98 -11.96 11.55
CA GLY A 133 -15.59 -12.74 12.63
C GLY A 133 -16.38 -11.95 13.65
N THR A 134 -16.11 -10.65 13.73
CA THR A 134 -16.85 -9.76 14.64
C THR A 134 -17.89 -8.93 13.88
N ASN A 135 -18.10 -9.29 12.60
CA ASN A 135 -19.03 -8.60 11.69
C ASN A 135 -18.77 -7.10 11.62
N THR A 136 -17.49 -6.74 11.58
CA THR A 136 -17.06 -5.34 11.46
C THR A 136 -17.37 -4.85 10.05
N ASP A 137 -17.85 -3.61 9.92
CA ASP A 137 -18.09 -3.01 8.61
C ASP A 137 -17.30 -1.73 8.35
N THR A 138 -16.80 -1.12 9.43
CA THR A 138 -16.11 0.16 9.36
C THR A 138 -14.92 0.14 10.31
N VAL A 139 -13.74 0.48 9.80
CA VAL A 139 -12.54 0.52 10.63
C VAL A 139 -12.02 1.94 10.76
N VAL A 140 -11.53 2.26 11.96
CA VAL A 140 -10.82 3.52 12.18
C VAL A 140 -9.35 3.18 12.35
N VAL A 141 -8.52 3.76 11.49
CA VAL A 141 -7.10 3.44 11.47
C VAL A 141 -6.30 4.60 12.07
N THR A 142 -5.42 4.25 13.01
CA THR A 142 -4.53 5.18 13.70
C THR A 142 -3.14 4.54 13.76
N GLY A 143 -2.12 5.32 14.12
CA GLY A 143 -0.81 4.74 14.35
C GLY A 143 0.39 5.42 13.72
N ALA A 144 1.46 4.65 13.51
CA ALA A 144 2.71 5.15 12.95
C ALA A 144 3.29 4.15 11.95
N THR A 145 3.81 4.59 10.81
CA THR A 145 3.79 5.99 10.40
C THR A 145 2.76 6.19 9.30
N THR A 146 2.28 7.41 9.16
CA THR A 146 1.25 7.72 8.16
C THR A 146 1.59 7.19 6.77
N SER A 147 2.82 7.47 6.33
CA SER A 147 3.24 7.11 4.98
C SER A 147 3.61 5.63 4.82
N GLY A 148 3.84 4.94 5.94
CA GLY A 148 4.28 3.55 5.90
C GLY A 148 3.19 2.58 6.29
N CYS A 149 3.26 2.08 7.53
CA CYS A 149 2.33 1.07 8.04
C CYS A 149 0.86 1.52 8.04
N VAL A 150 0.60 2.80 8.34
CA VAL A 150 -0.78 3.30 8.37
C VAL A 150 -1.40 3.28 6.98
N ARG A 151 -0.73 3.91 6.01
CA ARG A 151 -1.24 3.93 4.64
C ARG A 151 -1.43 2.52 4.08
N ALA A 152 -0.46 1.65 4.35
CA ALA A 152 -0.54 0.25 3.88
C ALA A 152 -1.74 -0.47 4.47
N THR A 153 -2.01 -0.22 5.75
CA THR A 153 -3.13 -0.82 6.47
C THR A 153 -4.45 -0.32 5.91
N VAL A 154 -4.49 0.97 5.59
CA VAL A 154 -5.68 1.61 5.04
C VAL A 154 -6.03 1.04 3.67
N VAL A 155 -5.04 0.92 2.79
CA VAL A 155 -5.25 0.32 1.47
C VAL A 155 -5.80 -1.10 1.61
N ASP A 156 -5.15 -1.91 2.46
CA ASP A 156 -5.63 -3.27 2.68
C ASP A 156 -7.02 -3.37 3.31
N ALA A 157 -7.34 -2.46 4.23
CA ALA A 157 -8.67 -2.45 4.86
C ALA A 157 -9.80 -2.29 3.84
N VAL A 158 -9.68 -1.29 2.96
CA VAL A 158 -10.72 -1.07 1.94
C VAL A 158 -10.74 -2.22 0.93
N GLN A 159 -9.56 -2.69 0.55
CA GLN A 159 -9.48 -3.85 -0.36
C GLN A 159 -10.13 -5.09 0.23
N SER A 160 -10.06 -5.22 1.55
CA SER A 160 -10.58 -6.39 2.26
C SER A 160 -12.10 -6.36 2.46
N GLY A 161 -12.75 -5.25 2.09
CA GLY A 161 -14.19 -5.12 2.22
C GLY A 161 -14.69 -4.28 3.39
N PHE A 162 -13.81 -3.48 3.98
CA PHE A 162 -14.20 -2.60 5.09
C PHE A 162 -14.11 -1.13 4.71
N LYS A 163 -15.09 -0.35 5.17
CA LYS A 163 -15.05 1.10 5.03
C LYS A 163 -14.01 1.65 6.00
N VAL A 164 -13.32 2.71 5.60
CA VAL A 164 -12.17 3.19 6.35
C VAL A 164 -12.25 4.66 6.72
N LEU A 165 -12.01 4.95 7.99
CA LEU A 165 -11.88 6.30 8.51
C LEU A 165 -10.50 6.49 9.12
N VAL A 166 -9.86 7.62 8.83
CA VAL A 166 -8.54 7.91 9.36
C VAL A 166 -8.50 9.28 10.05
N PRO A 167 -8.45 9.28 11.39
CA PRO A 167 -8.26 10.55 12.12
C PRO A 167 -6.82 11.01 12.00
N ALA A 168 -6.60 12.10 11.25
CA ALA A 168 -5.28 12.60 10.92
C ALA A 168 -4.46 12.93 12.17
N ASP A 169 -5.14 13.41 13.21
CA ASP A 169 -4.48 13.75 14.47
C ASP A 169 -4.11 12.54 15.32
N CYS A 170 -4.32 11.34 14.78
CA CYS A 170 -3.92 10.08 15.43
C CYS A 170 -2.83 9.36 14.66
N CYS A 171 -2.35 10.00 13.60
CA CYS A 171 -1.35 9.42 12.73
C CYS A 171 -0.05 10.20 12.86
N ALA A 172 1.04 9.51 13.17
CA ALA A 172 2.35 10.13 13.34
C ALA A 172 3.28 9.72 12.19
N ASP A 173 4.20 10.61 11.82
CA ASP A 173 5.20 10.29 10.82
C ASP A 173 6.54 10.98 11.11
N ARG A 174 7.56 10.62 10.34
CA ARG A 174 8.93 11.12 10.49
C ARG A 174 9.12 12.50 9.90
N ALA A 175 8.24 12.87 8.97
CA ALA A 175 8.33 14.14 8.25
C ALA A 175 6.96 14.52 7.73
N LYS A 176 6.74 15.82 7.56
CA LYS A 176 5.45 16.36 7.14
C LYS A 176 5.09 15.97 5.70
N GLY A 177 6.08 16.01 4.81
CA GLY A 177 5.87 15.71 3.37
C GLY A 177 5.17 14.39 3.10
N PRO A 178 5.81 13.27 3.48
CA PRO A 178 5.20 11.94 3.29
C PRO A 178 3.86 11.79 4.03
N HIS A 179 3.74 12.43 5.19
CA HIS A 179 2.51 12.43 5.98
C HIS A 179 1.38 13.03 5.17
N GLU A 180 1.60 14.24 4.66
CA GLU A 180 0.59 14.94 3.85
C GLU A 180 0.25 14.21 2.56
N ALA A 181 1.27 13.67 1.89
CA ALA A 181 1.08 12.96 0.64
C ALA A 181 0.18 11.74 0.82
N SER A 182 0.41 10.97 1.89
CA SER A 182 -0.42 9.79 2.13
C SER A 182 -1.85 10.13 2.52
N LEU A 183 -2.03 11.18 3.32
CA LEU A 183 -3.37 11.61 3.69
C LEU A 183 -4.15 12.06 2.46
N TYR A 184 -3.45 12.70 1.52
CA TYR A 184 -4.09 13.09 0.27
C TYR A 184 -4.56 11.88 -0.52
N ASP A 185 -3.65 10.93 -0.74
CA ASP A 185 -3.98 9.71 -1.48
C ASP A 185 -5.14 8.95 -0.83
N ILE A 186 -5.11 8.85 0.51
CA ILE A 186 -6.18 8.18 1.25
C ILE A 186 -7.53 8.87 1.01
N GLN A 187 -7.58 10.18 1.25
CA GLN A 187 -8.82 10.96 1.04
C GLN A 187 -9.38 10.81 -0.38
N GLN A 188 -8.49 10.76 -1.37
CA GLN A 188 -8.93 10.63 -2.75
C GLN A 188 -9.42 9.22 -3.08
N LYS A 189 -8.69 8.20 -2.62
CA LYS A 189 -8.85 6.84 -3.16
C LYS A 189 -9.32 5.76 -2.19
N TYR A 190 -9.05 5.93 -0.91
CA TYR A 190 -9.14 4.78 0.02
C TYR A 190 -10.05 4.93 1.23
N GLY A 191 -10.13 6.13 1.80
CA GLY A 191 -10.94 6.31 3.00
C GLY A 191 -11.24 7.77 3.25
N ASP A 192 -11.96 8.05 4.33
CA ASP A 192 -12.20 9.42 4.75
C ASP A 192 -11.22 9.87 5.82
N VAL A 193 -10.46 10.91 5.51
CA VAL A 193 -9.56 11.56 6.45
C VAL A 193 -10.38 12.57 7.26
N THR A 194 -10.25 12.48 8.57
CA THR A 194 -11.05 13.28 9.48
C THR A 194 -10.23 13.52 10.75
N ASP A 195 -10.88 13.76 11.88
CA ASP A 195 -10.15 13.95 13.15
C ASP A 195 -10.80 13.18 14.31
N SER A 196 -10.09 13.11 15.43
CA SER A 196 -10.55 12.33 16.59
C SER A 196 -11.87 12.82 17.17
N ASP A 197 -12.07 14.13 17.20
CA ASP A 197 -13.35 14.74 17.63
C ASP A 197 -14.54 14.16 16.87
N ASP A 198 -14.43 14.09 15.54
CA ASP A 198 -15.44 13.48 14.67
C ASP A 198 -15.64 12.01 15.07
N ILE A 199 -14.54 11.25 15.15
CA ILE A 199 -14.62 9.83 15.48
C ILE A 199 -15.37 9.60 16.79
N LEU A 200 -15.00 10.36 17.82
CA LEU A 200 -15.60 10.20 19.15
C LEU A 200 -17.11 10.43 19.14
N LYS A 201 -17.53 11.53 18.49
CA LYS A 201 -18.94 11.86 18.34
C LYS A 201 -19.67 10.76 17.56
N TRP A 202 -19.02 10.29 16.50
CA TRP A 202 -19.57 9.22 15.65
C TRP A 202 -19.76 7.91 16.39
N LEU A 203 -18.77 7.51 17.19
CA LEU A 203 -18.89 6.27 17.97
C LEU A 203 -20.05 6.32 18.97
N ARG A 204 -20.20 7.46 19.65
CA ARG A 204 -21.33 7.67 20.56
C ARG A 204 -22.67 7.58 19.82
N SER A 205 -22.70 8.13 18.61
CA SER A 205 -23.88 8.10 17.76
C SER A 205 -24.30 6.67 17.36
N VAL A 206 -23.34 5.85 16.93
CA VAL A 206 -23.71 4.46 16.56
C VAL A 206 -24.13 3.60 17.74
N ALA A 207 -23.53 3.83 18.90
CA ALA A 207 -23.95 3.15 20.12
C ALA A 207 -25.37 3.56 20.54
N GLY A 208 -25.70 4.83 20.36
CA GLY A 208 -27.02 5.38 20.69
C GLY A 208 -28.15 4.86 19.82
N MET B 1 17.88 17.38 13.55
CA MET B 1 18.40 16.77 12.28
C MET B 1 17.42 16.87 11.12
N SER B 2 17.96 16.80 9.91
CA SER B 2 17.18 16.92 8.67
C SER B 2 16.42 15.65 8.34
N GLN B 3 15.46 15.74 7.42
CA GLN B 3 14.70 14.58 6.97
C GLN B 3 15.63 13.50 6.44
N LYS B 4 16.61 13.89 5.62
CA LYS B 4 17.58 12.95 5.07
C LYS B 4 18.32 12.18 6.17
N GLU B 5 18.74 12.91 7.22
CA GLU B 5 19.44 12.30 8.33
C GLU B 5 18.55 11.37 9.17
N VAL B 6 17.28 11.77 9.35
CA VAL B 6 16.27 10.95 10.06
C VAL B 6 16.05 9.61 9.32
N TYR B 7 15.84 9.66 8.01
CA TYR B 7 15.61 8.43 7.25
C TYR B 7 16.87 7.55 7.20
N ASP B 8 18.04 8.18 7.09
CA ASP B 8 19.31 7.45 7.14
C ASP B 8 19.47 6.71 8.48
N ALA B 9 19.28 7.43 9.59
CA ALA B 9 19.43 6.85 10.93
C ALA B 9 18.42 5.74 11.20
N ALA B 10 17.22 5.88 10.63
CA ALA B 10 16.15 4.89 10.77
C ALA B 10 16.40 3.63 9.92
N GLY B 11 17.46 3.65 9.12
CA GLY B 11 17.87 2.47 8.36
C GLY B 11 17.21 2.28 7.01
N PHE B 12 16.61 3.35 6.48
CA PHE B 12 15.95 3.34 5.16
C PHE B 12 16.91 3.64 4.00
N GLY B 13 16.47 3.32 2.78
CA GLY B 13 17.17 3.74 1.56
C GLY B 13 18.32 2.86 1.13
N ASN B 14 18.46 1.68 1.74
CA ASN B 14 19.51 0.74 1.36
C ASN B 14 19.27 0.20 -0.04
N PRO B 15 20.36 -0.11 -0.78
CA PRO B 15 20.20 -0.67 -2.12
C PRO B 15 19.69 -2.10 -2.11
N VAL B 16 19.01 -2.50 -3.17
CA VAL B 16 18.62 -3.91 -3.32
C VAL B 16 19.74 -4.69 -3.99
N SER B 17 20.14 -5.79 -3.36
CA SER B 17 21.05 -6.73 -3.98
C SER B 17 20.20 -7.59 -4.91
N ARG B 18 20.32 -7.35 -6.21
CA ARG B 18 19.41 -7.97 -7.19
C ARG B 18 19.64 -9.46 -7.33
N GLY B 19 18.56 -10.19 -7.58
CA GLY B 19 18.62 -11.64 -7.77
C GLY B 19 18.86 -12.02 -9.22
N VAL B 20 18.64 -13.30 -9.53
CA VAL B 20 18.98 -13.83 -10.86
C VAL B 20 17.78 -14.47 -11.58
N HIS B 21 16.58 -14.30 -11.02
CA HIS B 21 15.35 -14.77 -11.66
C HIS B 21 14.34 -13.64 -11.73
N PRO B 22 14.49 -12.78 -12.76
CA PRO B 22 13.62 -11.61 -12.88
C PRO B 22 12.24 -11.93 -13.41
N ALA B 23 11.27 -11.11 -13.03
CA ALA B 23 9.95 -11.10 -13.65
C ALA B 23 9.49 -9.67 -13.84
N ILE B 24 8.70 -9.43 -14.88
CA ILE B 24 8.18 -8.09 -15.13
C ILE B 24 6.70 -8.06 -14.78
N ILE B 25 6.30 -7.07 -13.98
CA ILE B 25 4.89 -6.86 -13.69
C ILE B 25 4.45 -5.52 -14.29
N VAL B 26 3.47 -5.60 -15.18
CA VAL B 26 2.94 -4.41 -15.85
C VAL B 26 1.57 -4.10 -15.26
N VAL B 27 1.51 -3.07 -14.43
CA VAL B 27 0.31 -2.79 -13.63
C VAL B 27 -0.68 -1.86 -14.34
N ASP B 28 -1.80 -2.44 -14.78
CA ASP B 28 -2.95 -1.67 -15.25
C ASP B 28 -2.66 -0.67 -16.38
N PHE B 29 -1.82 -1.06 -17.33
CA PHE B 29 -1.75 -0.33 -18.60
C PHE B 29 -2.90 -0.79 -19.51
N SER B 30 -4.11 -0.72 -18.98
CA SER B 30 -5.33 -0.96 -19.75
C SER B 30 -5.79 0.37 -20.35
N TYR B 31 -6.64 0.31 -21.38
CA TYR B 31 -7.11 1.54 -22.03
C TYR B 31 -7.78 2.47 -21.04
N GLY B 32 -8.47 1.90 -20.05
CA GLY B 32 -9.09 2.68 -18.97
C GLY B 32 -8.14 3.62 -18.25
N PHE B 33 -6.85 3.27 -18.22
CA PHE B 33 -5.85 4.11 -17.56
C PHE B 33 -4.89 4.82 -18.51
N THR B 34 -4.95 4.50 -19.81
CA THR B 34 -3.99 5.02 -20.79
C THR B 34 -4.62 5.82 -21.95
N ASP B 35 -5.92 5.68 -22.14
CA ASP B 35 -6.60 6.35 -23.25
C ASP B 35 -7.39 7.52 -22.69
N LEU B 36 -6.97 8.73 -23.04
CA LEU B 36 -7.53 9.96 -22.46
C LEU B 36 -8.99 10.29 -22.79
N GLN B 37 -9.64 9.43 -23.57
CA GLN B 37 -11.10 9.52 -23.75
C GLN B 37 -11.82 9.13 -22.44
N TYR B 38 -11.15 8.35 -21.59
CA TYR B 38 -11.71 7.95 -20.31
C TYR B 38 -11.17 8.83 -19.18
N PRO B 39 -12.06 9.29 -18.27
CA PRO B 39 -11.64 10.23 -17.23
C PRO B 39 -10.69 9.61 -16.18
N THR B 40 -10.56 8.29 -16.18
CA THR B 40 -9.64 7.60 -15.28
C THR B 40 -8.20 7.54 -15.83
N ALA B 41 -8.02 7.99 -17.07
CA ALA B 41 -6.74 7.78 -17.75
C ALA B 41 -5.73 8.90 -17.56
N SER B 42 -4.47 8.57 -17.86
CA SER B 42 -3.36 9.51 -17.85
C SER B 42 -2.56 9.33 -19.13
N ASP B 43 -1.76 10.33 -19.49
CA ASP B 43 -0.82 10.21 -20.60
C ASP B 43 0.28 9.22 -20.22
N ALA B 44 0.26 8.06 -20.87
CA ALA B 44 1.25 7.00 -20.60
C ALA B 44 2.04 6.64 -21.86
N SER B 45 2.00 7.52 -22.86
CA SER B 45 2.60 7.23 -24.17
C SER B 45 4.08 6.83 -24.07
N LEU B 46 4.90 7.66 -23.43
CA LEU B 46 6.32 7.37 -23.29
C LEU B 46 6.51 6.11 -22.43
N GLN B 47 5.81 6.07 -21.31
CA GLN B 47 5.93 5.00 -20.33
C GLN B 47 5.64 3.61 -20.93
N MET B 48 4.61 3.53 -21.76
CA MET B 48 4.28 2.24 -22.38
C MET B 48 5.37 1.80 -23.36
N SER B 49 5.95 2.77 -24.07
CA SER B 49 7.02 2.45 -25.03
C SER B 49 8.27 1.91 -24.34
N ARG B 50 8.65 2.51 -23.21
CA ARG B 50 9.79 2.05 -22.43
C ARG B 50 9.48 0.70 -21.76
N THR B 51 8.24 0.50 -21.34
CA THR B 51 7.81 -0.76 -20.76
C THR B 51 7.85 -1.86 -21.82
N LYS B 52 7.45 -1.52 -23.04
CA LYS B 52 7.52 -2.49 -24.15
C LYS B 52 8.94 -3.02 -24.40
N GLU B 53 9.94 -2.15 -24.30
CA GLU B 53 11.34 -2.54 -24.47
C GLU B 53 11.75 -3.56 -23.40
N ILE B 54 11.41 -3.27 -22.16
CA ILE B 54 11.68 -4.17 -21.02
C ILE B 54 10.99 -5.52 -21.23
N CYS B 55 9.69 -5.47 -21.54
CA CYS B 55 8.92 -6.71 -21.74
C CYS B 55 9.42 -7.56 -22.90
N ASP B 56 9.76 -6.90 -24.01
CA ASP B 56 10.29 -7.62 -25.18
C ASP B 56 11.57 -8.38 -24.88
N LEU B 57 12.48 -7.75 -24.15
CA LEU B 57 13.74 -8.38 -23.76
C LEU B 57 13.48 -9.51 -22.78
N ALA B 58 12.68 -9.25 -21.75
CA ALA B 58 12.37 -10.26 -20.74
C ALA B 58 11.73 -11.49 -21.38
N ARG B 59 10.76 -11.27 -22.26
CA ARG B 59 10.06 -12.37 -22.93
C ARG B 59 11.04 -13.21 -23.75
N ALA B 60 11.96 -12.54 -24.43
CA ALA B 60 12.97 -13.21 -25.24
C ALA B 60 13.91 -14.05 -24.38
N LEU B 61 14.13 -13.60 -23.15
CA LEU B 61 14.98 -14.32 -22.20
C LEU B 61 14.23 -15.33 -21.35
N GLU B 62 12.94 -15.52 -21.64
CA GLU B 62 12.06 -16.46 -20.93
C GLU B 62 11.86 -16.10 -19.45
N PHE B 63 11.92 -14.81 -19.15
CA PHE B 63 11.55 -14.32 -17.84
C PHE B 63 10.05 -14.02 -17.86
N PRO B 64 9.32 -14.34 -16.78
CA PRO B 64 7.88 -14.07 -16.81
C PRO B 64 7.54 -12.60 -17.01
N VAL B 65 6.59 -12.34 -17.91
CA VAL B 65 6.03 -11.01 -18.13
C VAL B 65 4.54 -11.11 -17.84
N ILE B 66 4.09 -10.38 -16.82
CA ILE B 66 2.72 -10.50 -16.37
C ILE B 66 2.04 -9.14 -16.34
N PHE B 67 0.89 -9.06 -17.02
CA PHE B 67 0.08 -7.85 -17.10
C PHE B 67 -1.09 -7.94 -16.13
N THR B 68 -1.42 -6.83 -15.50
CA THR B 68 -2.60 -6.79 -14.62
C THR B 68 -3.66 -5.84 -15.17
N THR B 69 -4.91 -6.11 -14.81
CA THR B 69 -6.00 -5.21 -15.16
C THR B 69 -7.08 -5.28 -14.07
N ILE B 70 -7.78 -4.17 -13.87
CA ILE B 70 -8.92 -4.09 -12.96
C ILE B 70 -10.18 -4.27 -13.81
N ALA B 71 -11.01 -5.26 -13.46
CA ALA B 71 -12.28 -5.52 -14.15
C ALA B 71 -13.35 -5.99 -13.19
N TYR B 72 -14.58 -5.52 -13.38
CA TYR B 72 -15.70 -5.89 -12.49
C TYR B 72 -16.88 -6.46 -13.23
N HIS B 73 -17.55 -7.43 -12.60
CA HIS B 73 -18.92 -7.77 -12.97
C HIS B 73 -19.84 -6.77 -12.30
N PRO B 74 -20.96 -6.42 -12.96
CA PRO B 74 -21.91 -5.47 -12.36
C PRO B 74 -22.31 -5.81 -10.91
N GLY B 75 -22.50 -7.10 -10.62
CA GLY B 75 -22.89 -7.55 -9.28
C GLY B 75 -21.88 -7.25 -8.19
N GLU B 76 -20.61 -7.14 -8.58
CA GLU B 76 -19.52 -6.88 -7.63
C GLU B 76 -19.48 -5.43 -7.18
N ILE B 77 -19.96 -4.53 -8.02
CA ILE B 77 -19.87 -3.08 -7.73
C ILE B 77 -20.40 -2.69 -6.34
N PRO B 78 -21.64 -3.09 -5.99
CA PRO B 78 -22.13 -2.69 -4.65
C PRO B 78 -21.48 -3.46 -3.50
N MET B 79 -20.68 -4.48 -3.81
CA MET B 79 -20.06 -5.31 -2.78
C MET B 79 -18.71 -4.76 -2.30
N LEU B 80 -18.05 -3.94 -3.11
CA LEU B 80 -16.67 -3.51 -2.83
C LEU B 80 -16.56 -2.05 -2.41
N PRO B 81 -16.24 -1.80 -1.12
CA PRO B 81 -16.21 -0.41 -0.64
C PRO B 81 -15.15 0.48 -1.32
N TRP B 82 -14.15 -0.12 -1.97
CA TRP B 82 -13.20 0.71 -2.72
C TRP B 82 -13.92 1.51 -3.76
N LEU B 83 -14.96 0.93 -4.34
CA LEU B 83 -15.73 1.58 -5.41
C LEU B 83 -16.65 2.71 -4.92
N GLU B 84 -16.88 2.78 -3.62
CA GLU B 84 -17.58 3.93 -3.02
C GLU B 84 -16.67 5.16 -3.06
N LYS B 85 -15.42 4.97 -2.63
CA LYS B 85 -14.43 6.06 -2.62
C LYS B 85 -13.97 6.43 -4.02
N SER B 86 -13.65 5.41 -4.82
CA SER B 86 -13.10 5.64 -6.14
C SER B 86 -14.11 5.11 -7.13
N SER B 87 -15.18 5.88 -7.26
CA SER B 87 -16.36 5.48 -8.04
C SER B 87 -16.12 5.42 -9.54
N GLY B 88 -15.11 6.15 -10.01
CA GLY B 88 -14.71 6.14 -11.42
C GLY B 88 -14.30 4.77 -11.90
N MET B 89 -13.78 3.95 -10.97
CA MET B 89 -13.34 2.58 -11.27
C MET B 89 -14.49 1.65 -11.65
N ALA B 90 -15.72 2.00 -11.30
CA ALA B 90 -16.88 1.17 -11.64
C ALA B 90 -17.14 1.08 -13.16
N ALA B 91 -16.51 1.96 -13.93
CA ALA B 91 -16.60 1.93 -15.39
C ALA B 91 -15.79 0.77 -15.99
N LEU B 92 -14.91 0.19 -15.18
CA LEU B 92 -13.99 -0.85 -15.64
C LEU B 92 -14.66 -2.21 -15.62
N LEU B 93 -15.52 -2.44 -16.62
CA LEU B 93 -16.39 -3.61 -16.66
C LEU B 93 -15.88 -4.69 -17.61
N TYR B 94 -16.06 -5.96 -17.23
CA TYR B 94 -15.77 -7.06 -18.14
C TYR B 94 -16.48 -6.80 -19.46
N GLY B 95 -15.77 -7.06 -20.56
CA GLY B 95 -16.36 -6.95 -21.89
C GLY B 95 -16.17 -5.57 -22.51
N SER B 96 -15.74 -4.60 -21.69
CA SER B 96 -15.53 -3.24 -22.15
C SER B 96 -14.11 -3.05 -22.69
N ARG B 97 -13.92 -2.01 -23.49
CA ARG B 97 -12.60 -1.70 -24.01
C ARG B 97 -11.68 -1.19 -22.90
N LEU B 98 -12.28 -0.65 -21.83
CA LEU B 98 -11.54 -0.03 -20.71
C LEU B 98 -10.59 -1.02 -20.03
N VAL B 99 -10.98 -2.29 -20.01
CA VAL B 99 -10.25 -3.32 -19.25
C VAL B 99 -9.19 -4.07 -20.09
N GLU B 100 -9.21 -3.82 -21.40
CA GLU B 100 -8.26 -4.43 -22.31
C GLU B 100 -6.89 -3.79 -22.17
N ILE B 101 -5.84 -4.60 -22.25
CA ILE B 101 -4.47 -4.11 -22.15
C ILE B 101 -4.12 -3.32 -23.41
N ASP B 102 -3.54 -2.14 -23.22
CA ASP B 102 -3.17 -1.25 -24.32
C ASP B 102 -2.08 -1.91 -25.17
N MET B 103 -2.35 -2.02 -26.46
CA MET B 103 -1.41 -2.65 -27.40
C MET B 103 -0.07 -1.93 -27.53
N ALA B 104 -0.01 -0.67 -27.08
CA ALA B 104 1.26 0.06 -27.06
C ALA B 104 2.29 -0.59 -26.13
N THR B 105 1.82 -1.46 -25.23
CA THR B 105 2.72 -2.17 -24.32
C THR B 105 3.47 -3.29 -25.04
N GLY B 106 2.98 -3.68 -26.21
CA GLY B 106 3.55 -4.80 -26.94
C GLY B 106 3.05 -6.16 -26.49
N ILE B 107 2.05 -6.18 -25.59
CA ILE B 107 1.49 -7.44 -25.08
C ILE B 107 1.24 -8.47 -26.18
N GLN B 108 1.69 -9.69 -25.94
CA GLN B 108 1.58 -10.78 -26.90
C GLN B 108 0.49 -11.77 -26.50
N PRO B 109 -0.04 -12.55 -27.46
CA PRO B 109 -1.19 -13.43 -27.20
C PRO B 109 -1.06 -14.34 -25.98
N ASN B 110 0.14 -14.85 -25.73
CA ASN B 110 0.35 -15.78 -24.62
C ASN B 110 0.88 -15.17 -23.33
N ASP B 111 0.95 -13.83 -23.28
CA ASP B 111 1.33 -13.15 -22.03
C ASP B 111 0.17 -13.27 -21.03
N VAL B 112 0.51 -13.65 -19.80
CA VAL B 112 -0.48 -13.82 -18.74
C VAL B 112 -1.09 -12.48 -18.31
N VAL B 113 -2.41 -12.44 -18.25
CA VAL B 113 -3.14 -11.30 -17.67
C VAL B 113 -3.80 -11.74 -16.36
N VAL B 114 -3.54 -10.98 -15.31
CA VAL B 114 -4.18 -11.19 -14.01
C VAL B 114 -5.25 -10.12 -13.80
N VAL B 115 -6.47 -10.57 -13.54
CA VAL B 115 -7.58 -9.66 -13.24
C VAL B 115 -7.69 -9.49 -11.73
N LYS B 116 -7.76 -8.24 -11.28
CA LYS B 116 -7.86 -7.95 -9.85
C LYS B 116 -8.96 -6.91 -9.58
N LYS B 117 -9.34 -6.75 -8.32
CA LYS B 117 -10.49 -5.92 -7.96
C LYS B 117 -10.09 -4.69 -7.14
N GLY B 118 -8.82 -4.65 -6.75
CA GLY B 118 -8.33 -3.53 -5.95
C GLY B 118 -7.11 -2.86 -6.57
N ALA B 119 -6.32 -2.21 -5.71
CA ALA B 119 -5.14 -1.47 -6.13
C ALA B 119 -3.93 -2.37 -6.35
N SER B 120 -3.57 -3.14 -5.32
CA SER B 120 -2.43 -4.04 -5.43
C SER B 120 -2.68 -5.19 -6.37
N SER B 121 -1.72 -5.46 -7.25
CA SER B 121 -1.79 -6.62 -8.16
C SER B 121 -1.75 -7.97 -7.44
N PHE B 122 -1.35 -7.97 -6.17
CA PHE B 122 -1.21 -9.20 -5.39
C PHE B 122 -2.46 -9.51 -4.59
N PHE B 123 -3.26 -8.47 -4.31
CA PHE B 123 -4.38 -8.63 -3.41
C PHE B 123 -5.56 -9.33 -4.06
N GLY B 124 -5.90 -10.49 -3.51
CA GLY B 124 -7.01 -11.28 -4.01
C GLY B 124 -6.77 -11.78 -5.42
N SER B 125 -5.51 -12.08 -5.71
CA SER B 125 -5.11 -12.52 -7.03
C SER B 125 -4.15 -13.69 -6.97
N THR B 126 -3.93 -14.31 -8.12
CA THR B 126 -2.99 -15.41 -8.24
C THR B 126 -1.52 -15.00 -8.40
N LEU B 127 -1.22 -13.70 -8.32
CA LEU B 127 0.11 -13.20 -8.70
C LEU B 127 1.25 -13.83 -7.90
N SER B 128 1.14 -13.83 -6.56
CA SER B 128 2.21 -14.41 -5.75
C SER B 128 2.51 -15.86 -6.11
N SER B 129 1.45 -16.63 -6.40
CA SER B 129 1.61 -18.03 -6.79
C SER B 129 2.36 -18.20 -8.11
N LEU B 130 2.06 -17.34 -9.09
CA LEU B 130 2.79 -17.39 -10.37
C LEU B 130 4.27 -17.11 -10.20
N LEU B 131 4.58 -16.11 -9.38
CA LEU B 131 5.96 -15.72 -9.16
C LEU B 131 6.72 -16.78 -8.35
N ALA B 132 6.11 -17.30 -7.29
CA ALA B 132 6.75 -18.34 -6.50
C ALA B 132 6.91 -19.62 -7.33
N GLY B 133 5.91 -19.90 -8.16
CA GLY B 133 5.90 -21.09 -9.00
C GLY B 133 6.94 -21.09 -10.10
N THR B 134 7.40 -19.90 -10.46
CA THR B 134 8.48 -19.71 -11.44
C THR B 134 9.83 -19.40 -10.76
N ASN B 135 9.88 -19.54 -9.43
CA ASN B 135 11.10 -19.28 -8.64
C ASN B 135 11.66 -17.86 -8.88
N THR B 136 10.75 -16.91 -9.09
CA THR B 136 11.12 -15.49 -9.25
C THR B 136 11.70 -14.95 -7.94
N ASP B 137 12.79 -14.18 -8.03
CA ASP B 137 13.35 -13.54 -6.85
C ASP B 137 13.35 -12.01 -6.90
N THR B 138 13.19 -11.46 -8.11
CA THR B 138 13.24 -10.01 -8.31
C THR B 138 12.19 -9.60 -9.33
N VAL B 139 11.36 -8.62 -8.95
CA VAL B 139 10.35 -8.10 -9.87
C VAL B 139 10.66 -6.68 -10.31
N VAL B 140 10.36 -6.41 -11.58
CA VAL B 140 10.40 -5.04 -12.11
C VAL B 140 8.95 -4.58 -12.25
N VAL B 141 8.61 -3.51 -11.56
CA VAL B 141 7.21 -3.06 -11.54
C VAL B 141 7.06 -1.79 -12.38
N THR B 142 6.10 -1.82 -13.29
CA THR B 142 5.80 -0.69 -14.18
C THR B 142 4.28 -0.48 -14.19
N GLY B 143 3.82 0.64 -14.75
CA GLY B 143 2.38 0.83 -14.98
C GLY B 143 1.73 2.13 -14.51
N ALA B 144 0.43 2.05 -14.22
CA ALA B 144 -0.39 3.21 -13.88
C ALA B 144 -1.34 2.85 -12.73
N THR B 145 -1.48 3.72 -11.72
CA THR B 145 -0.70 4.95 -11.58
C THR B 145 0.35 4.78 -10.48
N THR B 146 1.41 5.59 -10.57
CA THR B 146 2.51 5.52 -9.62
C THR B 146 2.04 5.52 -8.16
N SER B 147 1.14 6.46 -7.84
CA SER B 147 0.70 6.66 -6.46
C SER B 147 -0.43 5.73 -6.05
N GLY B 148 -0.97 4.97 -7.01
CA GLY B 148 -2.12 4.10 -6.74
C GLY B 148 -1.72 2.64 -6.85
N CYS B 149 -2.15 2.02 -7.94
CA CYS B 149 -1.89 0.60 -8.19
C CYS B 149 -0.41 0.21 -8.25
N VAL B 150 0.44 1.07 -8.80
CA VAL B 150 1.88 0.77 -8.83
C VAL B 150 2.45 0.66 -7.42
N ARG B 151 2.26 1.71 -6.61
CA ARG B 151 2.75 1.75 -5.24
C ARG B 151 2.22 0.57 -4.41
N ALA B 152 0.91 0.33 -4.50
CA ALA B 152 0.31 -0.79 -3.77
C ALA B 152 0.93 -2.13 -4.18
N THR B 153 1.15 -2.31 -5.49
CA THR B 153 1.81 -3.52 -6.00
C THR B 153 3.24 -3.65 -5.48
N VAL B 154 3.96 -2.53 -5.42
CA VAL B 154 5.34 -2.54 -4.93
C VAL B 154 5.40 -2.97 -3.46
N VAL B 155 4.54 -2.39 -2.63
CA VAL B 155 4.46 -2.76 -1.20
C VAL B 155 4.18 -4.25 -1.06
N ASP B 156 3.20 -4.75 -1.82
CA ASP B 156 2.88 -6.17 -1.73
C ASP B 156 3.98 -7.09 -2.25
N ALA B 157 4.69 -6.66 -3.29
CA ALA B 157 5.77 -7.47 -3.84
C ALA B 157 6.86 -7.73 -2.79
N VAL B 158 7.30 -6.67 -2.13
CA VAL B 158 8.36 -6.84 -1.12
C VAL B 158 7.85 -7.60 0.10
N GLN B 159 6.61 -7.32 0.50
CA GLN B 159 5.98 -8.05 1.62
C GLN B 159 5.85 -9.53 1.31
N SER B 160 5.60 -9.84 0.04
CA SER B 160 5.42 -11.22 -0.41
C SER B 160 6.72 -12.00 -0.58
N GLY B 161 7.86 -11.33 -0.43
CA GLY B 161 9.16 -12.00 -0.49
C GLY B 161 9.96 -11.80 -1.76
N PHE B 162 9.59 -10.80 -2.55
CA PHE B 162 10.31 -10.48 -3.79
C PHE B 162 11.03 -9.15 -3.68
N LYS B 163 12.27 -9.10 -4.14
CA LYS B 163 13.00 -7.85 -4.26
C LYS B 163 12.37 -7.03 -5.40
N VAL B 164 12.37 -5.71 -5.25
CA VAL B 164 11.61 -4.84 -6.17
C VAL B 164 12.45 -3.74 -6.81
N LEU B 165 12.33 -3.64 -8.14
CA LEU B 165 12.92 -2.57 -8.93
C LEU B 165 11.80 -1.83 -9.64
N VAL B 166 11.88 -0.50 -9.63
CA VAL B 166 10.86 0.34 -10.23
C VAL B 166 11.50 1.35 -11.19
N PRO B 167 11.41 1.10 -12.50
CA PRO B 167 11.92 2.09 -13.45
C PRO B 167 10.94 3.27 -13.55
N ALA B 168 11.36 4.44 -13.09
CA ALA B 168 10.45 5.59 -12.93
C ALA B 168 9.87 6.08 -14.25
N ASP B 169 10.65 5.94 -15.32
CA ASP B 169 10.21 6.34 -16.66
C ASP B 169 9.20 5.36 -17.27
N CYS B 170 8.89 4.30 -16.53
CA CYS B 170 7.83 3.36 -16.92
C CYS B 170 6.57 3.47 -16.09
N CYS B 171 6.51 4.49 -15.22
CA CYS B 171 5.38 4.68 -14.33
C CYS B 171 4.67 6.00 -14.67
N ALA B 172 3.35 5.92 -14.82
CA ALA B 172 2.57 7.11 -15.18
C ALA B 172 1.61 7.46 -14.04
N ASP B 173 1.32 8.75 -13.91
CA ASP B 173 0.33 9.20 -12.92
C ASP B 173 -0.43 10.39 -13.49
N ARG B 174 -1.49 10.79 -12.79
CA ARG B 174 -2.34 11.87 -13.26
C ARG B 174 -1.93 13.21 -12.68
N ALA B 175 -0.95 13.19 -11.77
CA ALA B 175 -0.34 14.41 -11.22
C ALA B 175 1.09 14.16 -10.73
N LYS B 176 1.92 15.20 -10.83
CA LYS B 176 3.34 15.12 -10.48
C LYS B 176 3.58 14.87 -8.98
N GLY B 177 2.83 15.58 -8.13
CA GLY B 177 3.01 15.51 -6.66
C GLY B 177 2.92 14.11 -6.09
N PRO B 178 1.79 13.42 -6.33
CA PRO B 178 1.62 12.02 -5.88
C PRO B 178 2.66 11.06 -6.46
N HIS B 179 3.01 11.24 -7.74
CA HIS B 179 4.05 10.45 -8.42
C HIS B 179 5.36 10.53 -7.67
N GLU B 180 5.83 11.75 -7.41
CA GLU B 180 7.09 11.94 -6.72
C GLU B 180 7.08 11.47 -5.26
N ALA B 181 5.95 11.69 -4.57
CA ALA B 181 5.81 11.26 -3.18
C ALA B 181 5.88 9.73 -3.08
N SER B 182 5.23 9.05 -4.01
CA SER B 182 5.28 7.59 -4.03
C SER B 182 6.67 7.05 -4.37
N LEU B 183 7.33 7.65 -5.37
CA LEU B 183 8.69 7.24 -5.69
C LEU B 183 9.63 7.43 -4.50
N TYR B 184 9.46 8.53 -3.77
CA TYR B 184 10.25 8.75 -2.57
C TYR B 184 10.06 7.63 -1.54
N ASP B 185 8.81 7.31 -1.24
CA ASP B 185 8.47 6.30 -0.23
C ASP B 185 9.03 4.94 -0.64
N ILE B 186 8.89 4.62 -1.93
CA ILE B 186 9.41 3.36 -2.48
C ILE B 186 10.94 3.29 -2.33
N GLN B 187 11.63 4.33 -2.81
CA GLN B 187 13.10 4.37 -2.70
C GLN B 187 13.58 4.25 -1.26
N GLN B 188 12.80 4.78 -0.32
CA GLN B 188 13.17 4.69 1.09
C GLN B 188 12.88 3.32 1.69
N LYS B 189 11.71 2.77 1.37
CA LYS B 189 11.19 1.68 2.20
C LYS B 189 10.96 0.34 1.51
N TYR B 190 10.78 0.33 0.19
CA TYR B 190 10.20 -0.85 -0.48
C TYR B 190 10.98 -1.43 -1.64
N GLY B 191 11.68 -0.59 -2.39
CA GLY B 191 12.43 -1.07 -3.55
C GLY B 191 13.39 -0.04 -4.09
N ASP B 192 14.07 -0.36 -5.18
CA ASP B 192 14.99 0.59 -5.80
C ASP B 192 14.34 1.27 -6.99
N VAL B 193 14.29 2.59 -6.94
CA VAL B 193 13.79 3.40 -8.04
C VAL B 193 14.95 3.67 -9.00
N THR B 194 14.73 3.38 -10.27
CA THR B 194 15.76 3.48 -11.31
C THR B 194 15.12 3.86 -12.62
N ASP B 195 15.72 3.48 -13.73
CA ASP B 195 15.12 3.77 -15.04
C ASP B 195 15.24 2.58 -15.98
N SER B 196 14.58 2.68 -17.13
CA SER B 196 14.52 1.56 -18.07
C SER B 196 15.90 1.18 -18.63
N ASP B 197 16.77 2.17 -18.86
CA ASP B 197 18.13 1.90 -19.34
C ASP B 197 18.87 0.93 -18.42
N ASP B 198 18.80 1.17 -17.11
CA ASP B 198 19.39 0.31 -16.10
C ASP B 198 18.79 -1.10 -16.16
N ILE B 199 17.46 -1.18 -16.17
CA ILE B 199 16.77 -2.48 -16.24
C ILE B 199 17.22 -3.30 -17.46
N LEU B 200 17.28 -2.66 -18.62
CA LEU B 200 17.65 -3.37 -19.85
C LEU B 200 19.08 -3.92 -19.76
N LYS B 201 20.01 -3.10 -19.28
CA LYS B 201 21.38 -3.55 -19.11
C LYS B 201 21.46 -4.67 -18.08
N TRP B 202 20.70 -4.55 -17.00
CA TRP B 202 20.69 -5.52 -15.93
C TRP B 202 20.16 -6.86 -16.39
N LEU B 203 19.03 -6.86 -17.11
CA LEU B 203 18.45 -8.09 -17.64
C LEU B 203 19.41 -8.87 -18.54
N ARG B 204 20.17 -8.14 -19.37
CA ARG B 204 21.16 -8.78 -20.24
C ARG B 204 22.31 -9.35 -19.43
N SER B 205 22.68 -8.66 -18.35
CA SER B 205 23.73 -9.13 -17.45
C SER B 205 23.37 -10.41 -16.73
N VAL B 206 22.15 -10.52 -16.22
CA VAL B 206 21.74 -11.80 -15.62
C VAL B 206 21.66 -12.93 -16.65
N ALA B 207 21.26 -12.59 -17.88
CA ALA B 207 21.21 -13.57 -18.98
C ALA B 207 22.60 -14.10 -19.33
N GLY B 208 23.61 -13.24 -19.18
CA GLY B 208 25.00 -13.59 -19.47
C GLY B 208 25.66 -14.45 -18.42
S SO4 C . 6.85 2.57 8.97
O1 SO4 C . 7.73 3.37 9.86
O2 SO4 C . 5.46 3.03 9.07
O3 SO4 C . 7.30 2.75 7.57
O4 SO4 C . 6.93 1.13 9.31
C1 GOL D . 4.13 14.98 10.47
O1 GOL D . 5.40 14.43 10.83
C2 GOL D . 3.22 15.09 11.69
O2 GOL D . 2.02 15.76 11.32
C3 GOL D . 2.84 13.72 12.20
O3 GOL D . 3.90 13.21 13.02
S SO4 E . -5.02 4.09 -9.69
O1 SO4 E . -3.61 3.66 -9.85
O2 SO4 E . -5.20 4.75 -8.38
O3 SO4 E . -5.37 5.04 -10.78
O4 SO4 E . -5.90 2.91 -9.82
S SO4 F . 14.01 10.51 -20.06
O1 SO4 F . 15.48 10.31 -20.09
O2 SO4 F . 13.68 11.69 -19.23
O3 SO4 F . 13.51 10.72 -21.44
O4 SO4 F . 13.37 9.30 -19.49
C1 GOL G . 3.45 12.67 -14.42
O1 GOL G . 2.32 12.92 -13.58
C2 GOL G . 3.74 11.18 -14.41
O2 GOL G . 3.08 10.54 -15.52
C3 GOL G . 5.24 10.98 -14.47
O3 GOL G . 5.72 10.82 -15.81
C1 GOL H . -9.68 -2.05 -28.89
O1 GOL H . -10.94 -1.82 -29.54
C2 GOL H . -8.54 -1.81 -29.86
O2 GOL H . -7.85 -0.60 -29.51
C3 GOL H . -7.60 -3.00 -29.81
O3 GOL H . -6.60 -2.81 -28.79
#